data_2XWC
#
_entry.id   2XWC
#
_cell.length_a   110.370
_cell.length_b   110.370
_cell.length_c   110.370
_cell.angle_alpha   90.00
_cell.angle_beta   90.00
_cell.angle_gamma   90.00
#
_symmetry.space_group_name_H-M   'P 43 3 2'
#
loop_
_entity.id
_entity.type
_entity.pdbx_description
1 polymer 'TUMOUR PROTEIN P73'
2 non-polymer 'ZINC ION'
3 non-polymer TRIS(HYDROXYETHYL)AMINOMETHANE
4 non-polymer GLYCEROL
5 water water
#
_entity_poly.entity_id   1
_entity_poly.type   'polypeptide(L)'
_entity_poly.pdbx_seq_one_letter_code
;MAPVIPSNTDYPGPHHFEVTFQQSSTAKSATWTYSPLLKKLYCQIAKTCPIQIKVSTPPPPGTAIRAMPVYKKAEHVTDV
VKRCPNHELGRDFNEGQSAPASHLIRVEGNNLSQYVDDPVTGRQSVVVPYEPPQVGTEFTTILYNFMCNSSCVGGMNRRP
ILIIITLEMRDGQVLGRRSFEGRICACPGRDRKADEDHYREAENLYFQ
;
_entity_poly.pdbx_strand_id   A
#
# COMPACT_ATOMS: atom_id res chain seq x y z
N ALA A 2 -13.85 7.63 18.96
CA ALA A 2 -12.56 7.11 18.41
C ALA A 2 -12.58 6.72 16.93
N PRO A 3 -13.64 6.03 16.46
CA PRO A 3 -13.59 5.31 15.15
C PRO A 3 -13.70 6.22 13.90
N VAL A 4 -12.60 6.91 13.60
CA VAL A 4 -12.49 7.75 12.44
C VAL A 4 -12.31 6.87 11.20
N ILE A 5 -12.77 7.34 10.05
CA ILE A 5 -12.40 6.72 8.76
C ILE A 5 -11.45 7.69 8.08
N PRO A 6 -10.18 7.31 7.89
CA PRO A 6 -9.24 8.20 7.19
C PRO A 6 -9.76 8.61 5.81
N SER A 7 -9.50 9.86 5.42
CA SER A 7 -10.01 10.39 4.18
C SER A 7 -9.26 9.66 3.07
N ASN A 8 -9.96 9.37 1.97
CA ASN A 8 -9.40 8.56 0.91
C ASN A 8 -9.43 9.18 -0.47
N THR A 9 -10.29 10.17 -0.69
CA THR A 9 -10.49 10.65 -2.07
C THR A 9 -9.17 11.02 -2.75
N ASP A 10 -9.05 10.66 -4.02
CA ASP A 10 -7.91 11.12 -4.84
C ASP A 10 -7.80 12.63 -4.76
N TYR A 11 -6.58 13.10 -4.61
CA TYR A 11 -6.33 14.52 -4.45
C TYR A 11 -4.98 14.83 -5.12
N PRO A 12 -5.01 15.25 -6.38
CA PRO A 12 -3.71 15.49 -7.04
C PRO A 12 -2.91 16.59 -6.37
N GLY A 13 -3.61 17.65 -5.94
CA GLY A 13 -2.95 18.71 -5.20
C GLY A 13 -2.09 19.58 -6.08
N PRO A 14 -1.42 20.57 -5.46
CA PRO A 14 -0.64 21.56 -6.18
C PRO A 14 0.56 20.98 -6.92
N HIS A 15 1.02 19.80 -6.50
CA HIS A 15 2.18 19.13 -7.10
C HIS A 15 1.80 17.94 -7.99
N HIS A 16 0.50 17.82 -8.28
CA HIS A 16 -0.02 16.77 -9.13
C HIS A 16 0.58 15.44 -8.74
N PHE A 17 0.36 15.08 -7.47
CA PHE A 17 0.83 13.82 -6.89
C PHE A 17 0.19 12.61 -7.59
N GLU A 18 1.04 11.70 -8.08
CA GLU A 18 0.63 10.50 -8.79
C GLU A 18 1.32 9.28 -8.23
N VAL A 19 0.58 8.17 -8.16
CA VAL A 19 1.13 6.90 -7.70
C VAL A 19 0.93 5.89 -8.85
N THR A 20 2.02 5.30 -9.30
CA THR A 20 1.98 4.35 -10.40
C THR A 20 2.80 3.11 -10.02
N PHE A 21 2.84 2.12 -10.92
CA PHE A 21 3.55 0.87 -10.63
C PHE A 21 4.48 0.56 -11.80
N GLN A 22 5.76 0.29 -11.55
CA GLN A 22 6.68 -0.06 -12.65
C GLN A 22 6.20 -1.34 -13.37
N GLN A 23 6.75 -1.62 -14.55
CA GLN A 23 6.34 -2.81 -15.32
C GLN A 23 6.66 -4.07 -14.50
N SER A 24 5.71 -5.01 -14.47
CA SER A 24 5.81 -6.19 -13.61
C SER A 24 5.95 -7.47 -14.44
N SER A 25 6.54 -8.51 -13.84
CA SER A 25 6.64 -9.82 -14.48
C SER A 25 5.21 -10.36 -14.74
N THR A 26 5.07 -11.09 -15.85
CA THR A 26 3.81 -11.74 -16.20
C THR A 26 3.84 -13.24 -15.83
N ALA A 27 4.88 -13.64 -15.08
CA ALA A 27 5.10 -15.04 -14.70
C ALA A 27 4.24 -15.46 -13.50
N LYS A 28 3.88 -16.75 -13.43
CA LYS A 28 3.19 -17.33 -12.25
C LYS A 28 4.09 -17.31 -11.00
N SER A 29 5.41 -17.24 -11.24
CA SER A 29 6.46 -17.21 -10.22
C SER A 29 6.86 -15.77 -9.75
N ALA A 30 6.26 -14.74 -10.33
CA ALA A 30 6.60 -13.36 -10.00
C ALA A 30 6.41 -13.06 -8.50
N THR A 31 7.36 -12.31 -7.91
CA THR A 31 7.25 -11.90 -6.50
C THR A 31 6.25 -10.77 -6.30
N TRP A 32 6.02 -9.93 -7.32
CA TRP A 32 4.91 -8.97 -7.30
C TRP A 32 4.45 -8.68 -8.71
N THR A 33 3.21 -8.25 -8.86
CA THR A 33 2.66 -7.93 -10.16
C THR A 33 1.44 -7.00 -10.02
N TYR A 34 1.27 -6.10 -10.98
CA TYR A 34 0.18 -5.14 -10.93
C TYR A 34 -0.74 -5.41 -12.11
N SER A 35 -2.05 -5.49 -11.83
CA SER A 35 -3.06 -5.62 -12.89
C SER A 35 -3.65 -4.24 -13.23
N PRO A 36 -3.27 -3.65 -14.37
CA PRO A 36 -3.98 -2.42 -14.82
C PRO A 36 -5.46 -2.68 -15.08
N LEU A 37 -5.80 -3.90 -15.53
CA LEU A 37 -7.20 -4.25 -15.80
C LEU A 37 -8.07 -4.12 -14.57
N LEU A 38 -7.60 -4.68 -13.45
CA LEU A 38 -8.39 -4.74 -12.21
C LEU A 38 -8.04 -3.63 -11.22
N LYS A 39 -6.98 -2.88 -11.51
CA LYS A 39 -6.43 -1.89 -10.60
C LYS A 39 -6.06 -2.49 -9.24
N LYS A 40 -5.21 -3.51 -9.28
CA LYS A 40 -4.88 -4.26 -8.07
C LYS A 40 -3.40 -4.57 -8.09
N LEU A 41 -2.75 -4.33 -6.95
CA LEU A 41 -1.36 -4.73 -6.74
C LEU A 41 -1.31 -6.04 -5.98
N TYR A 42 -0.60 -7.00 -6.55
CA TYR A 42 -0.42 -8.34 -5.96
C TYR A 42 1.03 -8.53 -5.51
N CYS A 43 1.20 -8.79 -4.21
CA CYS A 43 2.51 -8.97 -3.64
C CYS A 43 2.52 -10.18 -2.72
N GLN A 44 3.70 -10.47 -2.21
CA GLN A 44 3.94 -11.64 -1.36
C GLN A 44 4.31 -11.15 0.00
N ILE A 45 3.98 -11.97 1.00
CA ILE A 45 4.24 -11.63 2.37
C ILE A 45 5.73 -11.37 2.54
N ALA A 46 6.05 -10.20 3.10
CA ALA A 46 7.40 -9.81 3.45
C ALA A 46 8.36 -9.53 2.28
N LYS A 47 7.86 -9.43 1.05
CA LYS A 47 8.72 -9.26 -0.11
C LYS A 47 8.49 -7.87 -0.63
N THR A 48 9.43 -7.41 -1.44
CA THR A 48 9.39 -6.08 -2.00
C THR A 48 8.12 -5.91 -2.81
N CYS A 49 7.46 -4.77 -2.57
CA CYS A 49 6.20 -4.46 -3.16
C CYS A 49 6.26 -2.95 -3.42
N PRO A 50 6.79 -2.57 -4.61
CA PRO A 50 7.16 -1.18 -4.86
C PRO A 50 6.07 -0.31 -5.47
N ILE A 51 6.07 0.96 -5.08
CA ILE A 51 5.30 1.96 -5.80
C ILE A 51 6.20 3.10 -6.30
N GLN A 52 5.70 3.79 -7.32
CA GLN A 52 6.35 4.92 -7.91
C GLN A 52 5.51 6.18 -7.63
N ILE A 53 6.17 7.18 -7.05
CA ILE A 53 5.61 8.51 -6.85
C ILE A 53 6.12 9.46 -7.92
N LYS A 54 5.26 10.35 -8.41
CA LYS A 54 5.65 11.42 -9.31
C LYS A 54 4.94 12.70 -8.84
N VAL A 55 5.69 13.81 -8.91
CA VAL A 55 5.16 15.16 -8.71
C VAL A 55 5.57 16.00 -9.94
N SER A 56 4.80 17.04 -10.21
CA SER A 56 5.06 17.91 -11.39
C SER A 56 6.10 19.01 -11.07
N THR A 57 6.08 19.48 -9.83
CA THR A 57 7.10 20.34 -9.23
C THR A 57 7.46 19.81 -7.86
N PRO A 58 8.66 20.11 -7.35
CA PRO A 58 8.98 19.55 -6.02
C PRO A 58 8.10 20.09 -4.89
N PRO A 59 7.80 19.24 -3.91
CA PRO A 59 7.05 19.70 -2.75
C PRO A 59 7.94 20.49 -1.83
N PRO A 60 7.34 21.08 -0.77
CA PRO A 60 8.17 21.91 0.09
C PRO A 60 9.11 21.09 0.97
N PRO A 61 10.12 21.74 1.56
CA PRO A 61 11.02 21.08 2.50
C PRO A 61 10.27 20.37 3.61
N GLY A 62 10.75 19.20 4.02
CA GLY A 62 10.24 18.49 5.21
C GLY A 62 8.99 17.65 4.93
N THR A 63 8.65 17.49 3.65
CA THR A 63 7.44 16.73 3.27
C THR A 63 7.68 15.24 3.51
N ALA A 64 6.60 14.51 3.80
CA ALA A 64 6.61 13.04 4.03
C ALA A 64 5.55 12.32 3.23
N ILE A 65 5.70 11.00 3.20
CA ILE A 65 4.76 10.13 2.54
C ILE A 65 4.27 9.07 3.52
N ARG A 66 2.98 9.02 3.73
CA ARG A 66 2.35 8.03 4.64
C ARG A 66 1.63 6.94 3.86
N ALA A 67 1.75 5.70 4.32
CA ALA A 67 0.91 4.60 3.89
C ALA A 67 0.06 4.08 5.07
N MET A 68 -1.24 4.02 4.84
CA MET A 68 -2.27 3.66 5.81
C MET A 68 -3.26 2.71 5.12
N PRO A 69 -3.30 1.46 5.58
CA PRO A 69 -4.32 0.52 5.12
C PRO A 69 -5.66 0.75 5.80
N VAL A 70 -6.74 0.55 5.04
CA VAL A 70 -8.13 0.68 5.51
C VAL A 70 -8.93 -0.44 4.82
N TYR A 71 -9.77 -1.14 5.56
CA TYR A 71 -10.66 -2.14 4.96
C TYR A 71 -11.72 -1.44 4.13
N LYS A 72 -11.99 -2.00 2.97
CA LYS A 72 -12.88 -1.38 1.98
C LYS A 72 -14.35 -1.57 2.23
N LYS A 73 -14.72 -2.72 2.78
CA LYS A 73 -16.13 -3.08 2.95
C LYS A 73 -16.76 -2.35 4.12
N ALA A 74 -18.02 -1.96 3.94
CA ALA A 74 -18.72 -1.16 4.91
C ALA A 74 -18.71 -1.71 6.33
N GLU A 75 -18.82 -3.03 6.48
CA GLU A 75 -18.90 -3.60 7.81
C GLU A 75 -17.51 -3.64 8.48
N HIS A 76 -16.43 -3.41 7.72
CA HIS A 76 -15.06 -3.41 8.26
C HIS A 76 -14.35 -2.05 8.28
N VAL A 77 -14.97 -1.02 7.68
CA VAL A 77 -14.22 0.23 7.39
C VAL A 77 -13.73 0.92 8.66
N THR A 78 -14.49 0.83 9.76
CA THR A 78 -13.98 1.43 11.01
C THR A 78 -13.06 0.54 11.86
N ASP A 79 -12.76 -0.68 11.40
CA ASP A 79 -11.84 -1.57 12.15
C ASP A 79 -10.39 -1.20 11.76
N VAL A 80 -9.53 -0.99 12.76
CA VAL A 80 -8.12 -0.76 12.47
C VAL A 80 -7.47 -2.00 11.82
N VAL A 81 -6.76 -1.79 10.70
CA VAL A 81 -6.07 -2.84 9.97
C VAL A 81 -4.69 -3.04 10.64
N LYS A 82 -4.46 -4.26 11.12
CA LYS A 82 -3.24 -4.65 11.83
C LYS A 82 -2.83 -6.03 11.37
N ARG A 83 -1.58 -6.37 11.64
CA ARG A 83 -1.06 -7.72 11.59
C ARG A 83 -2.02 -8.66 12.33
N CYS A 84 -2.25 -9.85 11.80
CA CYS A 84 -3.12 -10.79 12.49
C CYS A 84 -2.39 -11.25 13.76
N PRO A 85 -3.13 -11.65 14.80
CA PRO A 85 -2.44 -12.00 16.02
C PRO A 85 -1.45 -13.15 15.90
N ASN A 86 -1.74 -14.16 15.06
CA ASN A 86 -0.82 -15.31 14.90
C ASN A 86 0.54 -14.92 14.26
N HIS A 87 0.52 -14.00 13.29
CA HIS A 87 1.75 -13.41 12.81
C HIS A 87 2.39 -12.46 13.81
N GLU A 88 1.59 -11.70 14.54
CA GLU A 88 2.12 -10.69 15.46
C GLU A 88 2.95 -11.30 16.58
N LEU A 89 2.52 -12.43 17.12
CA LEU A 89 3.10 -13.05 18.32
C LEU A 89 4.02 -14.22 18.00
N GLY A 90 4.09 -14.58 16.73
CA GLY A 90 5.05 -15.56 16.22
C GLY A 90 6.44 -14.97 15.95
N ARG A 91 7.36 -15.87 15.57
CA ARG A 91 8.74 -15.55 15.40
C ARG A 91 9.03 -14.97 14.00
N ASP A 92 8.33 -15.50 13.00
CA ASP A 92 8.55 -15.18 11.57
C ASP A 92 8.50 -13.68 11.27
N PHE A 93 9.60 -13.18 10.66
CA PHE A 93 9.77 -11.78 10.27
C PHE A 93 9.70 -10.77 11.39
N ASN A 94 9.77 -11.25 12.63
CA ASN A 94 9.75 -10.38 13.79
C ASN A 94 11.12 -10.33 14.44
N GLU A 95 11.75 -11.49 14.58
CA GLU A 95 13.08 -11.57 15.18
C GLU A 95 14.10 -10.91 14.24
N GLY A 96 15.05 -10.18 14.82
CA GLY A 96 16.07 -9.49 14.05
C GLY A 96 15.60 -8.22 13.35
N GLN A 97 14.28 -7.98 13.39
CA GLN A 97 13.67 -6.79 12.77
C GLN A 97 13.22 -5.84 13.88
N SER A 98 13.26 -4.54 13.61
CA SER A 98 12.93 -3.52 14.60
C SER A 98 11.54 -2.88 14.42
N ALA A 99 10.88 -3.08 13.26
CA ALA A 99 9.53 -2.58 13.03
C ALA A 99 8.55 -3.25 14.04
N PRO A 100 7.53 -2.53 14.55
CA PRO A 100 6.57 -3.15 15.49
C PRO A 100 5.82 -4.31 14.85
N ALA A 101 5.69 -5.41 15.61
CA ALA A 101 5.12 -6.64 15.08
C ALA A 101 3.64 -6.48 14.71
N SER A 102 2.95 -5.52 15.34
CA SER A 102 1.51 -5.31 15.08
C SER A 102 1.23 -4.62 13.74
N HIS A 103 2.23 -4.00 13.13
CA HIS A 103 2.01 -3.27 11.89
C HIS A 103 1.94 -4.17 10.64
N LEU A 104 0.96 -3.91 9.78
CA LEU A 104 0.84 -4.64 8.52
C LEU A 104 1.89 -4.19 7.48
N ILE A 105 2.16 -2.89 7.43
CA ILE A 105 3.02 -2.31 6.38
C ILE A 105 4.39 -1.90 6.87
N ARG A 106 5.44 -2.41 6.24
CA ARG A 106 6.79 -1.94 6.53
C ARG A 106 7.38 -1.31 5.29
N VAL A 107 8.46 -0.55 5.48
CA VAL A 107 9.20 -0.01 4.37
C VAL A 107 10.57 -0.63 4.39
N GLU A 108 10.99 -1.07 3.24
CA GLU A 108 12.28 -1.66 3.04
C GLU A 108 13.25 -0.59 2.53
N GLY A 109 14.46 -0.64 3.07
CA GLY A 109 15.53 0.22 2.61
C GLY A 109 15.47 1.65 3.09
N ASN A 110 14.65 1.94 4.08
CA ASN A 110 14.55 3.31 4.59
C ASN A 110 14.83 3.30 6.08
N ASN A 111 15.81 4.06 6.53
CA ASN A 111 16.19 4.07 7.93
C ASN A 111 15.64 5.23 8.76
N LEU A 112 14.79 6.04 8.15
CA LEU A 112 14.05 7.10 8.86
C LEU A 112 12.54 6.86 8.88
N SER A 113 12.16 5.61 8.70
CA SER A 113 10.74 5.17 8.76
C SER A 113 10.16 5.50 10.14
N GLN A 114 8.92 5.97 10.18
CA GLN A 114 8.22 6.26 11.42
C GLN A 114 6.96 5.37 11.46
N TYR A 115 6.91 4.44 12.40
CA TYR A 115 5.72 3.59 12.58
C TYR A 115 4.81 4.28 13.56
N VAL A 116 3.66 4.72 13.06
CA VAL A 116 2.77 5.56 13.82
C VAL A 116 1.58 4.77 14.35
N ASP A 117 1.30 4.93 15.64
CA ASP A 117 0.08 4.40 16.23
C ASP A 117 -0.62 5.62 16.75
N ASP A 118 -1.68 6.04 16.07
CA ASP A 118 -2.35 7.29 16.44
C ASP A 118 -2.99 7.14 17.81
N PRO A 119 -2.68 8.04 18.76
CA PRO A 119 -3.24 7.90 20.13
C PRO A 119 -4.75 8.09 20.23
N VAL A 120 -5.30 8.91 19.34
CA VAL A 120 -6.72 9.22 19.32
C VAL A 120 -7.51 8.16 18.57
N THR A 121 -7.03 7.80 17.37
CA THR A 121 -7.79 6.91 16.48
C THR A 121 -7.36 5.44 16.53
N GLY A 122 -6.18 5.18 17.06
CA GLY A 122 -5.61 3.85 17.06
C GLY A 122 -5.13 3.39 15.69
N ARG A 123 -5.33 4.20 14.65
CA ARG A 123 -4.84 3.82 13.29
C ARG A 123 -3.33 3.70 13.30
N GLN A 124 -2.87 2.68 12.57
CA GLN A 124 -1.47 2.37 12.35
C GLN A 124 -1.08 2.68 10.89
N SER A 125 0.01 3.43 10.74
CA SER A 125 0.55 3.76 9.43
C SER A 125 2.06 3.88 9.50
N VAL A 126 2.68 3.96 8.33
CA VAL A 126 4.14 4.10 8.24
C VAL A 126 4.43 5.31 7.35
N VAL A 127 5.29 6.17 7.88
CA VAL A 127 5.68 7.40 7.24
C VAL A 127 7.15 7.41 6.93
N VAL A 128 7.49 7.85 5.72
CA VAL A 128 8.89 8.17 5.36
C VAL A 128 9.06 9.57 4.82
N PRO A 129 10.27 10.14 5.02
CA PRO A 129 10.45 11.46 4.43
C PRO A 129 10.44 11.38 2.90
N TYR A 130 9.88 12.39 2.27
CA TYR A 130 9.86 12.46 0.81
C TYR A 130 11.30 12.66 0.34
N GLU A 131 11.68 11.91 -0.68
CA GLU A 131 12.98 12.08 -1.31
C GLU A 131 12.72 12.35 -2.80
N PRO A 132 13.36 13.40 -3.34
CA PRO A 132 13.19 13.72 -4.75
C PRO A 132 13.83 12.68 -5.65
N PRO A 133 13.40 12.58 -6.90
CA PRO A 133 14.09 11.63 -7.76
C PRO A 133 15.56 12.04 -8.02
N GLN A 134 16.36 11.07 -8.39
CA GLN A 134 17.64 11.41 -9.04
C GLN A 134 17.48 12.55 -10.08
N VAL A 135 18.43 13.46 -10.07
CA VAL A 135 18.51 14.57 -10.99
C VAL A 135 18.05 14.17 -12.41
N GLY A 136 16.98 14.80 -12.89
CA GLY A 136 16.54 14.63 -14.27
C GLY A 136 15.76 13.36 -14.56
N THR A 137 15.47 12.60 -13.48
CA THR A 137 14.63 11.40 -13.55
C THR A 137 13.22 11.66 -13.01
N GLU A 138 12.30 10.69 -13.25
CA GLU A 138 10.87 10.93 -13.15
C GLU A 138 10.23 10.54 -11.81
N PHE A 139 10.63 9.40 -11.23
CA PHE A 139 9.95 8.81 -10.12
C PHE A 139 10.78 8.67 -8.89
N THR A 140 10.10 8.80 -7.74
CA THR A 140 10.58 8.39 -6.40
C THR A 140 9.97 7.02 -6.09
N THR A 141 10.83 6.03 -5.87
CA THR A 141 10.37 4.68 -5.56
C THR A 141 10.29 4.51 -4.02
N ILE A 142 9.23 3.86 -3.56
CA ILE A 142 9.09 3.40 -2.16
C ILE A 142 8.89 1.88 -2.15
N LEU A 143 9.73 1.19 -1.39
CA LEU A 143 9.66 -0.29 -1.28
C LEU A 143 8.87 -0.66 -0.02
N TYR A 144 7.63 -1.08 -0.21
CA TYR A 144 6.85 -1.57 0.91
C TYR A 144 7.00 -3.10 1.03
N ASN A 145 6.80 -3.55 2.25
CA ASN A 145 6.70 -4.95 2.57
C ASN A 145 5.41 -5.15 3.37
N PHE A 146 4.54 -6.03 2.89
CA PHE A 146 3.29 -6.33 3.56
C PHE A 146 3.44 -7.63 4.35
N MET A 147 3.05 -7.59 5.62
CA MET A 147 3.44 -8.62 6.57
C MET A 147 2.38 -9.65 6.98
N CYS A 148 1.24 -9.61 6.32
CA CYS A 148 0.22 -10.65 6.41
C CYS A 148 -0.34 -10.91 5.02
N ASN A 149 -0.83 -12.14 4.84
CA ASN A 149 -1.60 -12.52 3.68
C ASN A 149 -3.02 -12.04 3.80
N SER A 150 -3.63 -11.84 2.64
CA SER A 150 -5.09 -11.67 2.57
C SER A 150 -5.81 -12.84 3.26
N SER A 151 -5.25 -14.05 3.16
CA SER A 151 -5.80 -15.24 3.84
C SER A 151 -5.82 -15.18 5.41
N CYS A 152 -5.06 -14.25 5.99
CA CYS A 152 -4.90 -14.14 7.43
C CYS A 152 -6.15 -13.63 8.13
N VAL A 153 -7.00 -12.91 7.38
CA VAL A 153 -8.20 -12.31 7.95
C VAL A 153 -9.45 -12.54 7.06
N GLY A 154 -10.47 -13.25 7.55
CA GLY A 154 -10.37 -14.04 8.78
C GLY A 154 -9.79 -15.43 8.51
N ARG A 158 -11.09 -13.56 2.11
CA ARG A 158 -10.40 -12.26 2.02
C ARG A 158 -11.25 -11.12 2.58
N ARG A 159 -10.59 -10.17 3.25
CA ARG A 159 -11.17 -8.87 3.59
C ARG A 159 -10.41 -7.80 2.81
N PRO A 160 -10.98 -7.29 1.71
CA PRO A 160 -10.21 -6.37 0.88
C PRO A 160 -9.68 -5.14 1.65
N ILE A 161 -8.44 -4.74 1.35
CA ILE A 161 -7.78 -3.57 1.93
C ILE A 161 -7.43 -2.52 0.89
N LEU A 162 -7.70 -1.25 1.21
CA LEU A 162 -7.23 -0.11 0.43
C LEU A 162 -5.98 0.45 1.10
N ILE A 163 -4.95 0.70 0.31
CA ILE A 163 -3.74 1.34 0.84
C ILE A 163 -3.78 2.80 0.39
N ILE A 164 -3.87 3.69 1.36
CA ILE A 164 -3.97 5.13 1.13
C ILE A 164 -2.61 5.76 1.26
N ILE A 165 -2.15 6.41 0.19
CA ILE A 165 -0.81 7.02 0.15
C ILE A 165 -1.02 8.52 0.14
N THR A 166 -0.45 9.20 1.12
CA THR A 166 -0.56 10.63 1.23
C THR A 166 0.79 11.33 1.20
N LEU A 167 0.81 12.46 0.47
CA LEU A 167 1.89 13.40 0.52
C LEU A 167 1.52 14.48 1.55
N GLU A 168 2.38 14.65 2.57
CA GLU A 168 2.06 15.46 3.75
C GLU A 168 3.16 16.45 4.14
N MET A 169 2.73 17.61 4.55
CA MET A 169 3.63 18.61 5.08
C MET A 169 4.08 18.19 6.45
N ARG A 170 5.14 18.83 6.93
CA ARG A 170 5.67 18.59 8.25
C ARG A 170 4.56 18.81 9.31
N ASP A 171 3.65 19.75 9.05
CA ASP A 171 2.54 20.03 9.98
C ASP A 171 1.36 19.05 9.89
N GLY A 172 1.43 18.08 8.98
CA GLY A 172 0.37 17.11 8.79
C GLY A 172 -0.59 17.42 7.67
N GLN A 173 -0.59 18.65 7.19
CA GLN A 173 -1.48 19.02 6.07
C GLN A 173 -1.27 18.14 4.85
N VAL A 174 -2.37 17.63 4.27
CA VAL A 174 -2.29 16.76 3.08
C VAL A 174 -2.08 17.57 1.82
N LEU A 175 -0.99 17.27 1.09
CA LEU A 175 -0.66 17.94 -0.17
C LEU A 175 -1.06 17.10 -1.38
N GLY A 176 -1.21 15.79 -1.17
CA GLY A 176 -1.68 14.90 -2.23
C GLY A 176 -2.17 13.59 -1.68
N ARG A 177 -3.05 12.91 -2.41
CA ARG A 177 -3.49 11.57 -1.98
C ARG A 177 -3.91 10.71 -3.15
N ARG A 178 -3.45 9.46 -3.11
CA ARG A 178 -3.89 8.43 -4.05
C ARG A 178 -4.05 7.17 -3.24
N SER A 179 -4.58 6.10 -3.85
CA SER A 179 -4.74 4.85 -3.15
C SER A 179 -4.77 3.68 -4.11
N PHE A 180 -4.54 2.47 -3.60
CA PHE A 180 -4.62 1.26 -4.44
C PHE A 180 -5.03 0.07 -3.56
N GLU A 181 -5.70 -0.90 -4.15
CA GLU A 181 -6.00 -2.14 -3.44
C GLU A 181 -4.78 -3.03 -3.53
N GLY A 182 -4.39 -3.59 -2.39
CA GLY A 182 -3.28 -4.53 -2.29
C GLY A 182 -3.79 -5.90 -1.91
N ARG A 183 -3.24 -6.91 -2.58
CA ARG A 183 -3.63 -8.32 -2.38
C ARG A 183 -2.34 -9.10 -2.10
N ILE A 184 -2.31 -9.81 -0.98
CA ILE A 184 -1.09 -10.47 -0.51
C ILE A 184 -1.31 -11.98 -0.38
N CYS A 185 -0.45 -12.73 -1.04
CA CYS A 185 -0.46 -14.20 -0.90
C CYS A 185 0.87 -14.74 -1.33
N ALA A 186 1.05 -16.05 -1.21
CA ALA A 186 2.28 -16.71 -1.64
C ALA A 186 2.28 -17.03 -3.14
N CYS A 187 1.27 -16.58 -3.90
CA CYS A 187 1.17 -16.86 -5.32
C CYS A 187 0.47 -15.69 -6.09
N PRO A 188 1.06 -14.47 -5.97
CA PRO A 188 0.43 -13.26 -6.55
C PRO A 188 0.25 -13.33 -8.06
N GLY A 189 1.24 -13.90 -8.76
CA GLY A 189 1.12 -14.10 -10.20
C GLY A 189 -0.09 -14.96 -10.59
N ARG A 190 -0.33 -16.04 -9.82
CA ARG A 190 -1.50 -16.90 -10.04
C ARG A 190 -2.82 -16.19 -9.75
N ASP A 191 -2.84 -15.35 -8.70
CA ASP A 191 -4.07 -14.64 -8.33
C ASP A 191 -4.44 -13.62 -9.39
N ARG A 192 -3.47 -12.88 -9.88
CA ARG A 192 -3.71 -11.97 -11.01
C ARG A 192 -4.37 -12.69 -12.21
N LYS A 193 -3.76 -13.79 -12.63
CA LYS A 193 -4.25 -14.55 -13.77
C LYS A 193 -5.65 -15.06 -13.54
N ALA A 194 -5.93 -15.53 -12.33
CA ALA A 194 -7.26 -16.04 -12.02
C ALA A 194 -8.30 -14.93 -11.98
N ASP A 195 -7.98 -13.82 -11.32
CA ASP A 195 -8.91 -12.71 -11.24
C ASP A 195 -9.18 -12.14 -12.64
N GLU A 196 -8.13 -12.01 -13.47
CA GLU A 196 -8.31 -11.45 -14.81
C GLU A 196 -9.16 -12.40 -15.69
N ASP A 197 -8.94 -13.71 -15.55
CA ASP A 197 -9.73 -14.73 -16.25
C ASP A 197 -11.18 -14.67 -15.86
N HIS A 198 -11.44 -14.61 -14.56
CA HIS A 198 -12.82 -14.54 -14.08
C HIS A 198 -13.51 -13.23 -14.54
N TYR A 199 -12.76 -12.14 -14.51
CA TYR A 199 -13.25 -10.83 -14.97
C TYR A 199 -13.70 -10.87 -16.43
N ARG A 200 -12.85 -11.45 -17.27
CA ARG A 200 -13.11 -11.62 -18.69
C ARG A 200 -14.33 -12.49 -19.02
N GLU A 201 -14.54 -13.58 -18.26
CA GLU A 201 -15.75 -14.38 -18.37
C GLU A 201 -16.95 -13.44 -18.52
N ALA A 202 -17.05 -12.49 -17.58
CA ALA A 202 -18.26 -11.65 -17.41
C ALA A 202 -18.29 -10.43 -18.33
N GLU A 203 -17.13 -9.99 -18.80
CA GLU A 203 -17.04 -8.78 -19.59
C GLU A 203 -17.44 -8.99 -21.05
N ASN A 204 -17.49 -10.24 -21.47
CA ASN A 204 -18.00 -10.55 -22.81
C ASN A 204 -19.53 -10.78 -22.83
N LEU A 205 -20.19 -10.69 -21.67
CA LEU A 205 -21.63 -10.93 -21.57
C LEU A 205 -22.55 -9.79 -22.04
N TYR A 206 -22.08 -8.56 -22.00
CA TYR A 206 -22.90 -7.39 -22.41
C TYR A 206 -23.56 -7.50 -23.79
N PHE A 207 -24.69 -6.81 -23.97
CA PHE A 207 -25.38 -6.79 -25.26
C PHE A 207 -25.01 -5.54 -26.03
N GLN A 208 -25.53 -5.44 -27.25
CA GLN A 208 -25.38 -4.27 -28.14
C GLN A 208 -26.39 -4.35 -29.29
#